data_5E76
#
_entry.id   5E76
#
_cell.length_a   131.500
_cell.length_b   131.500
_cell.length_c   188.040
_cell.angle_alpha   90.00
_cell.angle_beta   90.00
_cell.angle_gamma   90.00
#
_symmetry.space_group_name_H-M   'I 4 2 2'
#
loop_
_entity.id
_entity.type
_entity.pdbx_description
1 polymer 'SusD-like protein BACOVA_02651'
2 branched beta-D-glucopyranose-(1-4)-beta-D-glucopyranose-(1-4)-beta-D-glucopyranose-(1-4)-[alpha-D-xylopyranose-(1-6)]beta-D-glucopyranose-(1-4)-[alpha-D-xylopyranose-(1-6)]beta-D-glucopyranose-(1-4)-beta-D-glucopyranose-(1-4)-beta-D-glucopyranose
3 non-polymer 1,2-ETHANEDIOL
4 non-polymer 'CHLORIDE ION'
5 non-polymer 'SODIUM ION'
6 water water
#
_entity_poly.entity_id   1
_entity_poly.type   'polypeptide(L)'
_entity_poly.pdbx_seq_one_letter_code
;VDATFYTSDEALEAATAPLYNRAWFDYNQRSIVPIGSGRANDMYSPWNYPQFVTFQVTALDENLSGAWSGFYSVVTMANS
VINAVETQTQGSVSEAAKTKAIAEARLMRACAYFYMLRIWGPVILIEDNQKLVDNPVRPLNREEDVFQFIINDLNYAVDN
LSEQSDKGRATSWAAKGILAKVYLARSGWNNGGTRDEGDLELARQYASDVCENSGLDLMTNYEDLFKYKNNNNQESLLAM
QWVPLGEWYECNTLLSDLAFSTEVTGGVNCWSSYNGSIDMLQQYELADTLRRNATFFTKGSYYSYICIKDGGYTYKGTAS
PIKKGVPGGPDDDNDGKVKQMNSPLNTYILRLADVYLTYAEACLGNNSTLSDGRGLYFFNRVRERAKINKKSSITLDDII
RERRVEFGMEYSNWYDMVTWFRYLPDKMLNYFNNQWRGYRTDAIIKDEDGKLHFGKYDTDGTTFLEGPEYYTAPEFTINI
EAEDIFLPYPESDVIQNPLLNEPPVPYTFNE
;
_entity_poly.pdbx_strand_id   A
#
loop_
_chem_comp.id
_chem_comp.type
_chem_comp.name
_chem_comp.formula
BGC D-saccharide, beta linking beta-D-glucopyranose 'C6 H12 O6'
CL non-polymer 'CHLORIDE ION' 'Cl -1'
EDO non-polymer 1,2-ETHANEDIOL 'C2 H6 O2'
NA non-polymer 'SODIUM ION' 'Na 1'
XYS D-saccharide, alpha linking alpha-D-xylopyranose 'C5 H10 O5'
#
# COMPACT_ATOMS: atom_id res chain seq x y z
N GLU A 10 17.37 13.87 -24.79
CA GLU A 10 17.42 12.83 -23.75
C GLU A 10 18.02 13.38 -22.46
N ALA A 11 17.58 14.59 -22.14
CA ALA A 11 17.57 15.09 -20.78
C ALA A 11 16.12 15.02 -20.25
N LEU A 12 15.23 14.37 -21.03
CA LEU A 12 13.90 14.02 -20.55
C LEU A 12 14.05 13.28 -19.24
N GLU A 13 14.92 12.28 -19.26
CA GLU A 13 15.23 11.43 -18.13
C GLU A 13 15.41 12.20 -16.81
N ALA A 14 15.88 13.45 -16.92
CA ALA A 14 16.04 14.30 -15.74
C ALA A 14 14.73 14.91 -15.31
N ALA A 15 13.83 15.09 -16.28
CA ALA A 15 12.49 15.57 -16.01
C ALA A 15 11.55 14.47 -15.55
N THR A 16 11.77 13.22 -16.01
CA THR A 16 10.88 12.14 -15.63
C THR A 16 11.31 11.58 -14.30
N ALA A 17 12.50 11.96 -13.84
CA ALA A 17 13.03 11.38 -12.61
C ALA A 17 12.21 11.78 -11.37
N PRO A 18 11.87 13.06 -11.21
CA PRO A 18 11.10 13.41 -10.00
C PRO A 18 9.70 12.77 -9.90
N LEU A 19 9.22 12.13 -10.96
CA LEU A 19 8.00 11.35 -10.88
C LEU A 19 8.08 10.19 -9.88
N TYR A 20 9.28 9.83 -9.42
CA TYR A 20 9.47 8.67 -8.52
C TYR A 20 9.59 9.12 -7.07
N ASN A 21 9.88 10.39 -6.83
CA ASN A 21 10.16 10.83 -5.46
C ASN A 21 9.39 12.09 -5.09
N ARG A 22 9.72 13.22 -5.70
CA ARG A 22 9.18 14.51 -5.29
C ARG A 22 7.67 14.56 -5.54
N ALA A 23 7.26 14.12 -6.71
CA ALA A 23 5.85 14.00 -7.06
C ALA A 23 4.98 13.34 -5.97
N TRP A 24 5.52 12.37 -5.26
CA TRP A 24 4.76 11.59 -4.27
C TRP A 24 4.94 12.11 -2.83
N PHE A 25 5.75 13.15 -2.66
CA PHE A 25 6.27 13.48 -1.34
C PHE A 25 5.21 13.83 -0.29
N ASP A 26 4.29 14.71 -0.66
CA ASP A 26 3.20 15.12 0.21
C ASP A 26 2.37 13.91 0.73
N TYR A 27 2.03 13.01 -0.19
CA TYR A 27 1.46 11.70 0.20
C TYR A 27 2.40 10.89 1.14
N ASN A 28 3.62 10.68 0.70
CA ASN A 28 4.52 9.73 1.37
C ASN A 28 5.04 10.28 2.70
N GLN A 29 5.05 11.62 2.83
CA GLN A 29 5.58 12.29 4.01
C GLN A 29 5.03 11.71 5.32
N ARG A 30 3.77 11.29 5.30
CA ARG A 30 3.11 10.84 6.51
C ARG A 30 1.78 10.10 6.24
N SER A 31 0.88 10.74 5.53
CA SER A 31 -0.51 10.32 5.43
C SER A 31 -0.63 8.88 4.96
N ILE A 32 0.28 8.50 4.07
CA ILE A 32 0.39 7.15 3.55
C ILE A 32 0.28 6.05 4.64
N VAL A 33 0.74 6.32 5.85
CA VAL A 33 0.72 5.34 6.93
C VAL A 33 -0.66 5.18 7.58
N PRO A 34 -1.25 6.26 8.14
CA PRO A 34 -2.59 6.11 8.74
C PRO A 34 -3.66 5.70 7.73
N ILE A 35 -3.51 6.12 6.48
CA ILE A 35 -4.52 5.85 5.48
C ILE A 35 -4.37 4.43 4.86
N GLY A 36 -3.16 4.15 4.40
CA GLY A 36 -2.86 2.94 3.68
C GLY A 36 -2.89 1.75 4.61
N SER A 37 -2.27 1.90 5.78
CA SER A 37 -2.12 0.79 6.73
C SER A 37 -2.98 0.96 8.00
N GLY A 38 -3.08 2.13 8.58
CA GLY A 38 -3.93 2.30 9.76
C GLY A 38 -5.42 2.04 9.55
N ARG A 39 -5.99 2.55 8.48
CA ARG A 39 -7.42 2.34 8.24
C ARG A 39 -7.73 0.87 7.94
N ALA A 40 -6.72 0.12 7.51
CA ALA A 40 -6.86 -1.34 7.35
C ALA A 40 -6.75 -2.06 8.67
N ASN A 41 -6.52 -1.31 9.75
CA ASN A 41 -6.11 -1.89 11.04
C ASN A 41 -4.90 -2.86 11.01
N ASP A 42 -3.95 -2.63 10.11
CA ASP A 42 -2.62 -3.20 10.25
C ASP A 42 -2.02 -2.96 11.65
N MET A 43 -2.19 -1.77 12.18
CA MET A 43 -1.59 -1.41 13.45
C MET A 43 -2.32 -0.19 14.02
N TYR A 44 -1.96 0.24 15.23
CA TYR A 44 -2.84 1.15 15.94
C TYR A 44 -2.12 1.87 17.08
N SER A 45 -2.57 3.11 17.33
CA SER A 45 -2.16 3.91 18.45
C SER A 45 -3.26 4.90 18.83
N PRO A 46 -3.61 4.93 20.12
CA PRO A 46 -4.59 5.95 20.52
C PRO A 46 -4.03 7.37 20.34
N TRP A 47 -2.71 7.48 20.24
CA TRP A 47 -2.05 8.78 20.26
C TRP A 47 -1.44 9.10 18.90
N ASN A 48 -1.53 8.16 17.95
CA ASN A 48 -1.14 8.47 16.56
C ASN A 48 -2.28 8.24 15.56
N TYR A 49 -3.21 9.20 15.49
CA TYR A 49 -4.25 9.19 14.49
C TYR A 49 -5.13 7.98 14.53
N PRO A 50 -5.71 7.67 15.71
CA PRO A 50 -6.55 6.46 15.85
C PRO A 50 -7.78 6.50 14.92
N GLN A 51 -8.21 7.73 14.60
CA GLN A 51 -9.50 7.91 13.99
C GLN A 51 -9.64 7.12 12.68
N PHE A 52 -8.54 6.96 11.95
CA PHE A 52 -8.52 6.18 10.73
C PHE A 52 -8.85 4.71 11.01
N VAL A 53 -8.35 4.20 12.13
CA VAL A 53 -8.59 2.80 12.51
C VAL A 53 -10.02 2.62 12.98
N THR A 54 -10.53 3.63 13.68
CA THR A 54 -11.82 3.53 14.36
C THR A 54 -12.96 4.16 13.58
N PHE A 55 -12.64 4.65 12.38
CA PHE A 55 -13.65 5.32 11.51
C PHE A 55 -14.30 6.57 12.14
N GLN A 56 -13.47 7.45 12.68
CA GLN A 56 -13.92 8.73 13.23
C GLN A 56 -13.23 9.91 12.53
N VAL A 57 -12.80 9.70 11.30
CA VAL A 57 -12.09 10.74 10.56
C VAL A 57 -13.05 11.87 10.16
N THR A 58 -12.63 13.11 10.35
CA THR A 58 -13.43 14.29 9.94
C THR A 58 -12.82 14.92 8.72
N ALA A 59 -13.60 15.74 8.07
CA ALA A 59 -13.19 16.43 6.86
C ALA A 59 -12.02 17.36 7.10
N LEU A 60 -11.76 17.70 8.37
CA LEU A 60 -10.66 18.61 8.69
C LEU A 60 -9.30 17.91 8.81
N ASP A 61 -9.28 16.59 8.68
CA ASP A 61 -8.09 15.82 9.05
C ASP A 61 -6.90 16.14 8.16
N GLU A 62 -5.78 16.45 8.81
CA GLU A 62 -4.60 16.90 8.09
C GLU A 62 -4.04 15.81 7.16
N ASN A 63 -4.21 14.53 7.50
CA ASN A 63 -3.75 13.46 6.60
C ASN A 63 -4.52 13.41 5.28
N LEU A 64 -5.85 13.57 5.34
CA LEU A 64 -6.67 13.74 4.15
C LEU A 64 -6.17 14.86 3.24
N SER A 65 -5.83 15.98 3.85
CA SER A 65 -5.28 17.07 3.08
C SER A 65 -3.91 16.72 2.50
N GLY A 66 -3.06 16.20 3.35
CA GLY A 66 -1.78 15.72 2.87
C GLY A 66 -1.93 14.77 1.69
N ALA A 67 -2.68 13.68 1.89
CA ALA A 67 -2.80 12.64 0.86
C ALA A 67 -3.35 13.21 -0.44
N TRP A 68 -4.38 14.04 -0.29
CA TRP A 68 -5.13 14.58 -1.41
C TRP A 68 -4.21 15.47 -2.26
N SER A 69 -3.42 16.33 -1.61
CA SER A 69 -2.48 17.16 -2.35
C SER A 69 -1.40 16.33 -3.01
N GLY A 70 -0.88 15.35 -2.28
CA GLY A 70 0.14 14.49 -2.82
C GLY A 70 -0.28 13.83 -4.11
N PHE A 71 -1.45 13.20 -4.14
CA PHE A 71 -1.86 12.47 -5.33
C PHE A 71 -2.06 13.43 -6.47
N TYR A 72 -2.58 14.62 -6.17
CA TYR A 72 -2.77 15.59 -7.25
C TYR A 72 -1.43 16.24 -7.67
N SER A 73 -0.48 16.35 -6.77
CA SER A 73 0.87 16.69 -7.17
C SER A 73 1.46 15.67 -8.16
N VAL A 74 1.17 14.38 -7.98
CA VAL A 74 1.63 13.39 -8.95
C VAL A 74 0.95 13.71 -10.30
N VAL A 75 -0.33 14.06 -10.26
CA VAL A 75 -1.14 14.27 -11.47
C VAL A 75 -0.59 15.50 -12.22
N THR A 76 -0.33 16.58 -11.48
CA THR A 76 0.15 17.82 -12.05
C THR A 76 1.46 17.58 -12.78
N MET A 77 2.39 16.91 -12.11
CA MET A 77 3.72 16.66 -12.68
C MET A 77 3.69 15.72 -13.87
N ALA A 78 2.89 14.67 -13.81
CA ALA A 78 2.71 13.84 -14.99
C ALA A 78 2.22 14.64 -16.18
N ASN A 79 1.21 15.50 -15.97
CA ASN A 79 0.69 16.38 -17.01
C ASN A 79 1.70 17.43 -17.52
N SER A 80 2.54 17.95 -16.62
CA SER A 80 3.62 18.84 -17.00
C SER A 80 4.60 18.11 -17.94
N VAL A 81 5.03 16.93 -17.53
CA VAL A 81 5.87 16.11 -18.36
C VAL A 81 5.21 15.82 -19.72
N ILE A 82 4.04 15.18 -19.74
CA ILE A 82 3.37 14.84 -21.01
C ILE A 82 3.38 16.06 -21.94
N ASN A 83 2.98 17.20 -21.38
CA ASN A 83 2.98 18.46 -22.12
C ASN A 83 4.40 18.86 -22.54
N ALA A 84 5.30 18.82 -21.57
CA ALA A 84 6.71 19.13 -21.79
C ALA A 84 7.30 18.28 -22.92
N VAL A 85 6.76 17.09 -23.19
CA VAL A 85 7.33 16.22 -24.23
C VAL A 85 6.97 16.80 -25.59
N GLU A 86 6.01 17.74 -25.61
CA GLU A 86 5.80 18.62 -26.78
C GLU A 86 6.66 19.90 -26.75
N THR A 87 6.76 20.57 -25.58
CA THR A 87 7.72 21.68 -25.41
C THR A 87 9.18 21.19 -25.38
N GLN A 88 9.56 20.28 -26.28
CA GLN A 88 10.89 19.63 -26.28
C GLN A 88 10.87 18.20 -26.87
N SER A 94 14.06 12.63 -29.95
CA SER A 94 13.98 11.21 -30.27
C SER A 94 12.61 10.60 -29.95
N GLU A 95 12.10 9.77 -30.85
CA GLU A 95 10.72 9.32 -30.75
C GLU A 95 10.56 8.20 -29.76
N ALA A 96 11.67 7.58 -29.39
CA ALA A 96 11.64 6.50 -28.43
C ALA A 96 11.88 7.03 -27.02
N ALA A 97 12.65 8.12 -26.92
CA ALA A 97 12.90 8.72 -25.63
C ALA A 97 11.63 9.40 -25.12
N LYS A 98 10.83 9.88 -26.08
CA LYS A 98 9.61 10.65 -25.83
C LYS A 98 8.43 9.79 -25.41
N THR A 99 8.22 8.68 -26.10
CA THR A 99 7.17 7.75 -25.71
C THR A 99 7.48 7.11 -24.36
N LYS A 100 8.75 6.90 -24.06
CA LYS A 100 9.11 6.40 -22.75
C LYS A 100 8.79 7.42 -21.67
N ALA A 101 9.14 8.67 -21.92
CA ALA A 101 8.88 9.74 -20.96
C ALA A 101 7.37 9.88 -20.66
N ILE A 102 6.55 9.82 -21.69
CA ILE A 102 5.12 9.97 -21.54
C ILE A 102 4.56 8.74 -20.80
N ALA A 103 5.08 7.56 -21.15
CA ALA A 103 4.69 6.30 -20.54
C ALA A 103 4.93 6.29 -19.04
N GLU A 104 6.01 6.91 -18.60
CA GLU A 104 6.28 7.03 -17.17
C GLU A 104 5.29 8.01 -16.50
N ALA A 105 5.10 9.19 -17.10
CA ALA A 105 4.16 10.17 -16.56
C ALA A 105 2.77 9.54 -16.38
N ARG A 106 2.21 8.99 -17.45
CA ARG A 106 0.91 8.33 -17.40
C ARG A 106 0.83 7.11 -16.44
N LEU A 107 1.95 6.43 -16.17
CA LEU A 107 1.95 5.28 -15.25
C LEU A 107 1.74 5.79 -13.83
N MET A 108 2.43 6.87 -13.51
CA MET A 108 2.32 7.46 -12.21
C MET A 108 0.94 8.08 -12.07
N ARG A 109 0.44 8.64 -13.16
CA ARG A 109 -0.88 9.26 -13.13
C ARG A 109 -1.92 8.17 -12.87
N ALA A 110 -1.80 7.01 -13.52
CA ALA A 110 -2.68 5.89 -13.21
C ALA A 110 -2.59 5.48 -11.76
N CYS A 111 -1.37 5.33 -11.25
CA CYS A 111 -1.19 4.92 -9.86
C CYS A 111 -1.89 5.89 -8.91
N ALA A 112 -1.65 7.20 -9.08
CA ALA A 112 -2.21 8.22 -8.21
C ALA A 112 -3.75 8.13 -8.18
N TYR A 113 -4.36 8.03 -9.34
CA TYR A 113 -5.80 7.89 -9.40
C TYR A 113 -6.29 6.53 -8.85
N PHE A 114 -5.57 5.44 -9.11
CA PHE A 114 -6.01 4.14 -8.61
C PHE A 114 -5.98 4.16 -7.07
N TYR A 115 -5.05 4.89 -6.47
CA TYR A 115 -5.08 5.11 -5.03
C TYR A 115 -6.31 5.96 -4.61
N MET A 116 -6.55 7.08 -5.29
CA MET A 116 -7.64 7.98 -4.86
C MET A 116 -8.98 7.28 -5.00
N LEU A 117 -9.09 6.51 -6.07
CA LEU A 117 -10.30 5.78 -6.40
C LEU A 117 -10.72 4.86 -5.25
N ARG A 118 -9.76 4.41 -4.45
CA ARG A 118 -10.03 3.46 -3.37
C ARG A 118 -9.89 4.10 -1.99
N ILE A 119 -9.91 5.42 -1.98
CA ILE A 119 -9.93 6.20 -0.75
C ILE A 119 -11.18 7.11 -0.71
N TRP A 120 -11.44 7.80 -1.81
CA TRP A 120 -12.55 8.76 -1.91
C TRP A 120 -13.64 8.32 -2.90
N GLY A 121 -13.25 7.50 -3.88
CA GLY A 121 -14.13 7.11 -4.96
C GLY A 121 -14.11 8.08 -6.12
N PRO A 122 -15.23 8.75 -6.38
CA PRO A 122 -15.19 9.85 -7.36
C PRO A 122 -14.09 10.85 -7.00
N VAL A 123 -13.34 11.26 -8.02
CA VAL A 123 -12.36 12.31 -7.91
C VAL A 123 -12.31 13.07 -9.22
N ILE A 124 -11.53 14.13 -9.26
CA ILE A 124 -11.49 14.99 -10.43
C ILE A 124 -10.38 14.51 -11.37
N LEU A 125 -10.78 14.23 -12.61
CA LEU A 125 -9.89 13.74 -13.67
C LEU A 125 -9.27 14.89 -14.49
N ILE A 126 -7.97 15.05 -14.34
CA ILE A 126 -7.26 16.14 -14.96
C ILE A 126 -6.19 15.65 -15.94
N GLU A 127 -6.40 15.87 -17.23
CA GLU A 127 -5.36 15.74 -18.25
C GLU A 127 -4.57 17.02 -18.44
N ASP A 128 -5.20 18.15 -18.14
CA ASP A 128 -4.60 19.48 -18.40
C ASP A 128 -4.61 20.40 -17.18
N ASN A 129 -3.43 20.84 -16.75
CA ASN A 129 -3.31 21.57 -15.48
C ASN A 129 -3.98 22.91 -15.38
N GLN A 130 -4.24 23.53 -16.52
CA GLN A 130 -4.78 24.91 -16.57
C GLN A 130 -3.80 25.94 -16.08
N LYS A 131 -3.29 25.82 -14.84
CA LYS A 131 -2.21 26.69 -14.35
C LYS A 131 -2.53 28.20 -14.39
N LEU A 132 -3.20 28.69 -15.44
CA LEU A 132 -3.67 30.07 -15.48
C LEU A 132 -4.71 30.36 -14.35
N VAL A 133 -5.48 29.34 -13.98
CA VAL A 133 -6.55 29.50 -12.99
C VAL A 133 -6.20 28.85 -11.65
N ASP A 134 -5.86 29.65 -10.64
CA ASP A 134 -5.44 29.12 -9.33
C ASP A 134 -6.34 28.01 -8.78
N ASN A 135 -7.65 28.27 -8.73
CA ASN A 135 -8.61 27.31 -8.19
C ASN A 135 -9.76 27.06 -9.17
N PRO A 136 -9.52 26.21 -10.17
CA PRO A 136 -10.57 25.85 -11.11
C PRO A 136 -11.76 25.15 -10.41
N VAL A 137 -12.94 25.36 -11.00
CA VAL A 137 -14.15 24.72 -10.52
C VAL A 137 -14.40 23.55 -11.46
N ARG A 138 -14.00 22.36 -11.01
CA ARG A 138 -14.11 21.16 -11.81
C ARG A 138 -14.99 20.19 -11.08
N PRO A 139 -15.88 19.50 -11.79
CA PRO A 139 -16.64 18.45 -11.14
C PRO A 139 -15.85 17.19 -10.87
N LEU A 140 -16.30 16.51 -9.83
CA LEU A 140 -16.05 15.08 -9.68
C LEU A 140 -16.50 14.28 -10.90
N ASN A 141 -15.70 13.26 -11.25
CA ASN A 141 -16.08 12.31 -12.30
C ASN A 141 -16.45 10.91 -11.75
N ARG A 142 -17.30 10.17 -12.46
CA ARG A 142 -17.79 8.88 -11.95
C ARG A 142 -16.68 7.84 -11.76
N GLU A 143 -16.89 6.93 -10.80
CA GLU A 143 -15.96 5.84 -10.50
C GLU A 143 -15.61 5.04 -11.73
N GLU A 144 -16.60 4.67 -12.53
CA GLU A 144 -16.35 3.96 -13.79
C GLU A 144 -15.47 4.79 -14.74
N ASP A 145 -15.67 6.12 -14.79
CA ASP A 145 -14.77 6.96 -15.60
C ASP A 145 -13.36 6.97 -15.08
N VAL A 146 -13.19 7.04 -13.76
CA VAL A 146 -11.86 7.01 -13.16
C VAL A 146 -11.11 5.68 -13.48
N PHE A 147 -11.82 4.55 -13.47
CA PHE A 147 -11.27 3.29 -13.92
C PHE A 147 -10.83 3.40 -15.38
N GLN A 148 -11.69 3.96 -16.22
CA GLN A 148 -11.38 3.99 -17.66
C GLN A 148 -10.21 4.90 -18.03
N PHE A 149 -10.05 5.96 -17.24
CA PHE A 149 -8.91 6.90 -17.31
C PHE A 149 -7.61 6.21 -16.90
N ILE A 150 -7.69 5.44 -15.81
CA ILE A 150 -6.52 4.73 -15.28
C ILE A 150 -6.05 3.71 -16.32
N ILE A 151 -7.02 3.02 -16.90
CA ILE A 151 -6.77 2.00 -17.88
C ILE A 151 -6.24 2.60 -19.18
N ASN A 152 -6.77 3.74 -19.62
CA ASN A 152 -6.19 4.42 -20.78
C ASN A 152 -4.69 4.68 -20.54
N ASP A 153 -4.38 5.20 -19.36
CA ASP A 153 -2.98 5.46 -19.01
C ASP A 153 -2.12 4.21 -18.95
N LEU A 154 -2.68 3.10 -18.47
CA LEU A 154 -1.84 1.90 -18.29
C LEU A 154 -1.57 1.25 -19.63
N ASN A 155 -2.60 1.10 -20.46
CA ASN A 155 -2.42 0.59 -21.81
C ASN A 155 -1.33 1.33 -22.59
N TYR A 156 -1.28 2.66 -22.47
CA TYR A 156 -0.18 3.37 -23.12
C TYR A 156 1.17 2.96 -22.50
N ALA A 157 1.24 2.90 -21.17
CA ALA A 157 2.49 2.51 -20.51
C ALA A 157 2.89 1.05 -20.86
N VAL A 158 1.92 0.15 -21.03
CA VAL A 158 2.24 -1.24 -21.39
C VAL A 158 2.95 -1.25 -22.74
N ASP A 159 2.41 -0.54 -23.72
CA ASP A 159 2.97 -0.55 -25.06
C ASP A 159 4.29 0.16 -25.17
N ASN A 160 4.55 1.15 -24.32
CA ASN A 160 5.66 2.09 -24.56
C ASN A 160 6.77 2.07 -23.51
N LEU A 161 6.59 1.32 -22.44
CA LEU A 161 7.71 1.04 -21.55
C LEU A 161 8.45 -0.20 -22.03
N SER A 162 9.71 -0.31 -21.63
CA SER A 162 10.55 -1.39 -22.13
C SER A 162 10.55 -2.56 -21.16
N GLU A 163 10.96 -3.74 -21.63
CA GLU A 163 10.83 -4.95 -20.83
C GLU A 163 11.88 -5.06 -19.73
N GLN A 164 12.88 -4.20 -19.80
CA GLN A 164 13.95 -4.18 -18.81
C GLN A 164 14.37 -2.76 -18.66
N SER A 165 14.88 -2.39 -17.49
CA SER A 165 15.39 -1.05 -17.34
C SER A 165 16.31 -0.90 -16.18
N ASP A 166 16.78 0.34 -16.06
CA ASP A 166 17.71 0.74 -15.03
C ASP A 166 17.08 0.59 -13.66
N LYS A 167 17.86 0.02 -12.73
CA LYS A 167 17.51 0.00 -11.31
C LYS A 167 16.68 1.22 -10.91
N GLY A 168 15.38 1.01 -10.68
CA GLY A 168 14.50 2.06 -10.16
C GLY A 168 13.48 2.63 -11.13
N ARG A 169 13.67 2.41 -12.44
CA ARG A 169 12.71 2.88 -13.45
C ARG A 169 11.63 1.86 -13.76
N ALA A 170 10.52 2.31 -14.32
CA ALA A 170 9.41 1.40 -14.60
C ALA A 170 9.65 0.54 -15.83
N THR A 171 9.05 -0.64 -15.80
CA THR A 171 9.03 -1.52 -16.95
C THR A 171 7.60 -1.82 -17.37
N SER A 172 7.44 -2.29 -18.61
CA SER A 172 6.14 -2.73 -19.10
C SER A 172 5.59 -3.86 -18.20
N TRP A 173 6.48 -4.58 -17.52
CA TRP A 173 6.00 -5.58 -16.57
C TRP A 173 5.25 -4.90 -15.42
N ALA A 174 5.75 -3.75 -14.97
CA ALA A 174 5.08 -3.01 -13.90
C ALA A 174 3.68 -2.53 -14.36
N ALA A 175 3.64 -1.95 -15.56
CA ALA A 175 2.41 -1.50 -16.20
C ALA A 175 1.41 -2.63 -16.24
N LYS A 176 1.84 -3.79 -16.72
CA LYS A 176 0.94 -4.95 -16.83
C LYS A 176 0.50 -5.40 -15.45
N GLY A 177 1.42 -5.32 -14.49
CA GLY A 177 1.12 -5.65 -13.10
C GLY A 177 0.00 -4.85 -12.51
N ILE A 178 0.12 -3.52 -12.63
CA ILE A 178 -0.86 -2.59 -12.11
C ILE A 178 -2.16 -2.84 -12.86
N LEU A 179 -2.09 -2.90 -14.17
CA LEU A 179 -3.28 -3.04 -14.98
C LEU A 179 -4.06 -4.33 -14.71
N ALA A 180 -3.35 -5.35 -14.19
CA ALA A 180 -4.00 -6.59 -13.72
C ALA A 180 -4.76 -6.33 -12.42
N LYS A 181 -4.17 -5.58 -11.48
CA LYS A 181 -4.85 -5.26 -10.24
C LYS A 181 -6.09 -4.39 -10.49
N VAL A 182 -6.02 -3.55 -11.52
CA VAL A 182 -7.08 -2.60 -11.78
C VAL A 182 -8.24 -3.37 -12.39
N TYR A 183 -7.94 -4.30 -13.28
CA TYR A 183 -9.00 -5.06 -13.90
C TYR A 183 -9.69 -5.94 -12.83
N LEU A 184 -8.91 -6.51 -11.93
CA LEU A 184 -9.44 -7.33 -10.84
C LEU A 184 -10.31 -6.49 -9.91
N ALA A 185 -9.86 -5.27 -9.65
CA ALA A 185 -10.59 -4.40 -8.73
C ALA A 185 -11.87 -3.92 -9.38
N ARG A 186 -11.84 -3.63 -10.69
CA ARG A 186 -13.08 -3.28 -11.35
C ARG A 186 -14.04 -4.45 -11.51
N SER A 187 -13.50 -5.67 -11.56
CA SER A 187 -14.34 -6.83 -11.89
C SER A 187 -15.60 -6.84 -11.02
N GLY A 188 -15.45 -6.76 -9.71
CA GLY A 188 -16.61 -6.81 -8.85
C GLY A 188 -17.20 -5.47 -8.39
N TRP A 189 -16.52 -4.36 -8.68
CA TRP A 189 -16.90 -2.98 -8.24
C TRP A 189 -18.32 -2.58 -8.62
N ASN A 190 -19.22 -2.49 -7.65
CA ASN A 190 -20.58 -2.02 -7.92
C ASN A 190 -21.25 -2.90 -8.98
N ASN A 191 -20.94 -4.19 -8.97
CA ASN A 191 -21.40 -5.06 -10.06
C ASN A 191 -22.37 -6.10 -9.54
N GLY A 192 -23.06 -5.78 -8.46
CA GLY A 192 -24.25 -6.52 -8.05
C GLY A 192 -23.99 -7.92 -7.52
N GLY A 193 -22.80 -8.14 -7.00
CA GLY A 193 -22.50 -9.35 -6.27
C GLY A 193 -21.70 -10.36 -7.08
N THR A 194 -21.18 -9.97 -8.23
CA THR A 194 -20.42 -10.94 -9.03
C THR A 194 -19.30 -10.21 -9.70
N ARG A 195 -18.22 -10.91 -9.97
CA ARG A 195 -17.09 -10.28 -10.64
C ARG A 195 -17.20 -10.47 -12.13
N ASP A 196 -17.01 -9.39 -12.88
CA ASP A 196 -17.21 -9.40 -14.32
C ASP A 196 -16.21 -10.39 -14.95
N GLU A 197 -16.70 -11.34 -15.73
CA GLU A 197 -15.83 -12.35 -16.35
C GLU A 197 -14.89 -11.72 -17.38
N GLY A 198 -15.33 -10.69 -18.11
CA GLY A 198 -14.42 -10.04 -19.03
C GLY A 198 -13.19 -9.49 -18.32
N ASP A 199 -13.40 -8.73 -17.24
CA ASP A 199 -12.32 -8.18 -16.43
C ASP A 199 -11.46 -9.24 -15.78
N LEU A 200 -12.07 -10.31 -15.27
CA LEU A 200 -11.33 -11.41 -14.65
C LEU A 200 -10.35 -12.02 -15.66
N GLU A 201 -10.85 -12.31 -16.86
CA GLU A 201 -9.98 -12.74 -17.94
C GLU A 201 -8.91 -11.74 -18.30
N LEU A 202 -9.25 -10.46 -18.40
CA LEU A 202 -8.20 -9.45 -18.62
C LEU A 202 -7.19 -9.49 -17.47
N ALA A 203 -7.66 -9.59 -16.23
CA ALA A 203 -6.73 -9.58 -15.11
C ALA A 203 -5.83 -10.82 -15.18
N ARG A 204 -6.42 -11.96 -15.55
CA ARG A 204 -5.65 -13.20 -15.57
C ARG A 204 -4.51 -13.09 -16.57
N GLN A 205 -4.80 -12.60 -17.77
CA GLN A 205 -3.81 -12.52 -18.82
C GLN A 205 -2.69 -11.51 -18.61
N TYR A 206 -2.98 -10.35 -18.04
CA TYR A 206 -1.90 -9.41 -17.74
C TYR A 206 -1.04 -9.97 -16.61
N ALA A 207 -1.68 -10.60 -15.62
CA ALA A 207 -0.97 -11.09 -14.45
C ALA A 207 -0.17 -12.36 -14.81
N SER A 208 -0.75 -13.24 -15.62
CA SER A 208 -0.05 -14.49 -15.96
C SER A 208 1.11 -14.17 -16.90
N ASP A 209 0.90 -13.27 -17.86
CA ASP A 209 2.02 -12.73 -18.66
C ASP A 209 3.19 -12.17 -17.81
N VAL A 210 2.92 -11.55 -16.66
CA VAL A 210 4.04 -11.12 -15.81
C VAL A 210 4.63 -12.34 -15.12
N CYS A 211 3.76 -13.23 -14.68
CA CYS A 211 4.14 -14.30 -13.77
C CYS A 211 5.02 -15.30 -14.50
N GLU A 212 4.61 -15.59 -15.73
CA GLU A 212 5.19 -16.64 -16.55
C GLU A 212 6.30 -16.13 -17.45
N ASN A 213 6.26 -14.85 -17.87
CA ASN A 213 7.17 -14.38 -18.92
C ASN A 213 8.15 -13.28 -18.53
N SER A 214 7.99 -12.68 -17.35
CA SER A 214 8.87 -11.58 -16.97
C SER A 214 10.29 -12.09 -16.71
N GLY A 215 10.40 -13.34 -16.28
CA GLY A 215 11.67 -13.91 -15.89
C GLY A 215 12.07 -13.41 -14.51
N LEU A 216 11.13 -12.84 -13.77
CA LEU A 216 11.39 -12.35 -12.43
C LEU A 216 10.99 -13.38 -11.39
N ASP A 217 11.53 -13.21 -10.18
CA ASP A 217 11.38 -14.20 -9.14
C ASP A 217 11.28 -13.50 -7.81
N LEU A 218 10.57 -14.08 -6.88
CA LEU A 218 10.48 -13.52 -5.54
C LEU A 218 11.85 -13.57 -4.89
N MET A 219 12.18 -12.59 -4.07
CA MET A 219 13.39 -12.68 -3.27
C MET A 219 13.27 -13.89 -2.37
N THR A 220 14.36 -14.66 -2.24
CA THR A 220 14.30 -15.93 -1.56
C THR A 220 13.84 -15.78 -0.14
N ASN A 221 14.26 -14.69 0.46
CA ASN A 221 13.90 -14.39 1.82
C ASN A 221 13.00 -13.15 1.87
N TYR A 222 11.86 -13.27 2.54
CA TYR A 222 10.86 -12.19 2.56
C TYR A 222 11.46 -10.98 3.30
N GLU A 223 12.23 -11.23 4.34
CA GLU A 223 12.79 -10.16 5.15
C GLU A 223 13.74 -9.31 4.33
N ASP A 224 14.34 -9.90 3.29
CA ASP A 224 15.29 -9.17 2.45
C ASP A 224 14.67 -7.99 1.71
N LEU A 225 13.37 -8.06 1.44
CA LEU A 225 12.68 -7.03 0.66
C LEU A 225 12.85 -5.67 1.35
N PHE A 226 12.94 -5.68 2.68
CA PHE A 226 12.81 -4.50 3.49
C PHE A 226 14.12 -3.99 4.11
N LYS A 227 15.21 -4.24 3.38
CA LYS A 227 16.55 -3.80 3.74
C LYS A 227 17.03 -2.77 2.73
N TYR A 228 17.68 -1.72 3.22
CA TYR A 228 18.26 -0.75 2.34
C TYR A 228 19.08 -1.30 1.19
N LYS A 229 19.91 -2.31 1.50
CA LYS A 229 20.85 -2.82 0.50
C LYS A 229 20.13 -3.48 -0.68
N ASN A 230 18.82 -3.67 -0.54
CA ASN A 230 18.02 -4.38 -1.54
C ASN A 230 16.95 -3.52 -2.24
N ASN A 231 17.14 -2.18 -2.26
CA ASN A 231 16.28 -1.32 -3.08
C ASN A 231 16.34 -1.77 -4.54
N ASN A 232 15.21 -1.75 -5.22
CA ASN A 232 15.10 -2.17 -6.62
C ASN A 232 15.61 -3.58 -6.93
N ASN A 233 15.49 -4.46 -5.96
CA ASN A 233 15.60 -5.88 -6.22
C ASN A 233 14.64 -6.29 -7.33
N GLN A 234 14.80 -7.52 -7.83
CA GLN A 234 14.01 -8.00 -8.96
C GLN A 234 12.52 -8.16 -8.64
N GLU A 235 12.17 -8.20 -7.35
CA GLU A 235 10.77 -8.32 -6.99
C GLU A 235 10.08 -6.93 -6.92
N SER A 236 10.90 -5.88 -6.84
CA SER A 236 10.40 -4.48 -6.79
C SER A 236 10.06 -4.03 -8.22
N LEU A 237 8.80 -4.18 -8.64
CA LEU A 237 8.38 -3.75 -9.98
C LEU A 237 8.19 -2.22 -10.11
N LEU A 238 7.82 -1.56 -9.02
CA LEU A 238 7.56 -0.12 -9.02
C LEU A 238 7.61 0.33 -7.57
N ALA A 239 8.47 1.30 -7.32
CA ALA A 239 8.71 1.81 -5.99
C ALA A 239 9.04 3.32 -6.05
N MET A 240 8.78 4.03 -4.96
CA MET A 240 9.17 5.43 -4.83
C MET A 240 10.65 5.47 -4.54
N GLN A 241 11.41 6.09 -5.43
CA GLN A 241 12.88 6.09 -5.36
C GLN A 241 13.43 7.21 -4.47
N TRP A 242 13.50 6.98 -3.17
CA TRP A 242 13.90 8.07 -2.25
C TRP A 242 15.43 8.25 -2.18
N VAL A 243 15.84 9.50 -2.06
CA VAL A 243 17.25 9.85 -1.98
C VAL A 243 17.82 9.56 -0.59
N PRO A 244 18.90 8.77 -0.52
CA PRO A 244 19.50 8.51 0.80
C PRO A 244 19.97 9.79 1.48
N LEU A 245 19.51 10.03 2.71
CA LEU A 245 19.73 11.32 3.37
C LEU A 245 19.38 12.48 2.44
N GLY A 246 18.30 12.31 1.69
CA GLY A 246 17.92 13.25 0.66
C GLY A 246 17.52 14.58 1.26
N GLU A 247 17.50 15.62 0.44
CA GLU A 247 17.01 16.90 0.92
C GLU A 247 15.50 16.77 0.98
N TRP A 248 14.86 17.72 1.67
CA TRP A 248 13.42 17.77 1.75
C TRP A 248 12.83 17.69 0.36
N TYR A 249 11.61 17.16 0.29
CA TYR A 249 10.84 16.96 -0.94
C TYR A 249 11.35 15.76 -1.71
N GLU A 250 12.42 15.13 -1.24
CA GLU A 250 12.93 14.00 -1.99
C GLU A 250 13.53 12.90 -1.10
N CYS A 251 13.42 13.06 0.22
CA CYS A 251 13.68 11.97 1.17
C CYS A 251 12.40 11.29 1.65
N ASN A 252 12.59 10.11 2.22
CA ASN A 252 11.58 9.31 2.86
C ASN A 252 11.50 9.72 4.33
N THR A 253 10.47 10.46 4.71
CA THR A 253 10.40 11.02 6.05
C THR A 253 9.71 10.15 7.08
N LEU A 254 9.41 8.91 6.71
CA LEU A 254 8.56 8.04 7.55
C LEU A 254 9.28 7.44 8.74
N LEU A 255 10.61 7.50 8.74
CA LEU A 255 11.43 6.86 9.77
C LEU A 255 10.99 7.07 11.23
N SER A 256 10.81 8.33 11.62
CA SER A 256 10.57 8.69 13.02
C SER A 256 9.14 8.39 13.44
N ASP A 257 8.26 8.36 12.43
CA ASP A 257 6.86 7.96 12.60
C ASP A 257 6.72 6.42 12.77
N LEU A 258 7.61 5.64 12.16
CA LEU A 258 7.48 4.18 12.23
C LEU A 258 8.17 3.63 13.47
N ALA A 259 9.34 4.17 13.79
CA ALA A 259 10.25 3.60 14.81
C ALA A 259 9.85 3.96 16.24
N PHE A 260 9.80 2.95 17.11
CA PHE A 260 9.21 3.09 18.44
C PHE A 260 10.22 3.55 19.49
N SER A 261 11.49 3.25 19.26
CA SER A 261 12.54 3.54 20.23
C SER A 261 13.89 3.71 19.52
N THR A 262 14.73 4.58 20.08
CA THR A 262 16.06 4.83 19.56
C THR A 262 16.96 3.57 19.59
N GLU A 263 16.61 2.62 20.44
CA GLU A 263 17.40 1.39 20.53
C GLU A 263 17.35 0.64 19.21
N VAL A 264 16.43 1.02 18.32
CA VAL A 264 16.34 0.34 17.04
C VAL A 264 16.62 1.26 15.85
N THR A 265 17.20 2.41 16.14
CA THR A 265 17.48 3.39 15.10
C THR A 265 18.91 3.89 15.18
N GLY A 266 19.76 3.13 15.87
CA GLY A 266 21.12 3.54 16.10
C GLY A 266 21.20 4.94 16.69
N GLY A 267 20.30 5.22 17.63
CA GLY A 267 20.27 6.49 18.31
C GLY A 267 19.31 7.56 17.75
N VAL A 268 19.00 7.51 16.45
CA VAL A 268 18.25 8.58 15.78
C VAL A 268 16.88 8.84 16.39
N ASN A 269 16.47 10.11 16.41
CA ASN A 269 15.23 10.51 17.08
C ASN A 269 14.00 9.89 16.41
N CYS A 270 13.06 9.44 17.23
CA CYS A 270 11.81 8.84 16.75
C CYS A 270 10.80 8.87 17.86
N TRP A 271 9.55 8.48 17.55
CA TRP A 271 8.46 8.66 18.49
C TRP A 271 7.24 7.79 18.25
N SER A 272 7.29 6.89 17.29
CA SER A 272 6.14 6.01 17.02
C SER A 272 5.56 5.34 18.26
N SER A 273 4.25 5.41 18.40
CA SER A 273 3.55 4.70 19.46
C SER A 273 2.62 3.66 18.85
N TYR A 274 2.85 3.39 17.57
CA TYR A 274 2.06 2.39 16.85
C TYR A 274 2.36 0.99 17.36
N ASN A 275 1.32 0.18 17.48
CA ASN A 275 1.48 -1.26 17.71
C ASN A 275 0.61 -2.11 16.80
N GLY A 276 1.23 -3.12 16.22
CA GLY A 276 0.52 -4.12 15.45
C GLY A 276 -0.74 -4.50 16.17
N SER A 277 -1.85 -4.53 15.44
CA SER A 277 -3.12 -4.67 16.07
C SER A 277 -3.33 -6.10 16.44
N ILE A 278 -4.17 -6.30 17.45
CA ILE A 278 -4.57 -7.61 17.85
C ILE A 278 -4.95 -8.39 16.58
N ASP A 279 -5.87 -7.80 15.83
CA ASP A 279 -6.49 -8.44 14.71
C ASP A 279 -5.51 -8.75 13.61
N MET A 280 -4.54 -7.86 13.42
CA MET A 280 -3.53 -8.04 12.40
C MET A 280 -2.55 -9.18 12.78
N LEU A 281 -2.15 -9.18 14.04
CA LEU A 281 -1.24 -10.17 14.58
C LEU A 281 -1.89 -11.56 14.53
N GLN A 282 -3.23 -11.60 14.59
CA GLN A 282 -3.95 -12.86 14.62
C GLN A 282 -4.02 -13.50 13.22
N GLN A 283 -3.80 -12.70 12.18
CA GLN A 283 -3.78 -13.20 10.81
C GLN A 283 -2.60 -14.15 10.51
N TYR A 284 -1.52 -14.05 11.27
CA TYR A 284 -0.34 -14.84 10.96
C TYR A 284 -0.59 -16.29 11.46
N GLU A 285 -0.64 -17.27 10.57
CA GLU A 285 -0.62 -18.69 11.02
C GLU A 285 0.59 -18.95 11.89
N LEU A 286 0.47 -19.97 12.73
CA LEU A 286 1.50 -20.30 13.70
C LEU A 286 2.88 -20.43 13.04
N ALA A 287 2.94 -20.88 11.79
CA ALA A 287 4.23 -21.10 11.12
C ALA A 287 4.81 -19.89 10.43
N ASP A 288 4.03 -18.79 10.38
CA ASP A 288 4.25 -17.66 9.49
C ASP A 288 5.07 -16.56 10.14
N THR A 289 6.17 -16.96 10.77
CA THR A 289 6.86 -16.01 11.65
C THR A 289 7.94 -15.25 10.93
N LEU A 290 8.29 -15.64 9.70
CA LEU A 290 9.23 -14.86 8.89
C LEU A 290 8.60 -13.55 8.35
N ARG A 291 7.33 -13.62 7.95
CA ARG A 291 6.62 -12.44 7.58
C ARG A 291 6.23 -11.66 8.83
N ARG A 292 5.69 -12.32 9.85
CA ARG A 292 5.34 -11.62 11.08
C ARG A 292 6.55 -10.87 11.66
N ASN A 293 7.71 -11.53 11.75
CA ASN A 293 8.93 -10.93 12.34
C ASN A 293 9.36 -9.73 11.54
N ALA A 294 9.34 -9.85 10.22
CA ALA A 294 9.75 -8.78 9.32
C ALA A 294 8.77 -7.61 9.31
N THR A 295 7.61 -7.78 9.93
CA THR A 295 6.58 -6.73 9.90
C THR A 295 6.45 -6.05 11.26
N PHE A 296 6.33 -6.84 12.33
CA PHE A 296 6.27 -6.32 13.69
C PHE A 296 7.27 -7.01 14.61
N PHE A 297 7.77 -6.27 15.60
CA PHE A 297 8.49 -6.83 16.74
C PHE A 297 7.48 -7.45 17.71
N THR A 298 7.75 -8.66 18.17
CA THR A 298 6.98 -9.28 19.24
C THR A 298 8.00 -9.89 20.20
N LYS A 299 7.59 -10.18 21.44
CA LYS A 299 8.54 -10.66 22.46
C LYS A 299 9.38 -11.86 22.02
N GLY A 300 10.69 -11.70 22.12
CA GLY A 300 11.62 -12.82 21.87
C GLY A 300 12.16 -12.78 20.45
N SER A 301 11.50 -11.99 19.59
CA SER A 301 11.88 -11.99 18.17
C SER A 301 13.31 -11.47 17.98
N TYR A 302 14.15 -12.30 17.38
CA TYR A 302 15.54 -11.95 17.15
C TYR A 302 15.77 -11.37 15.76
N TYR A 303 16.77 -10.51 15.64
CA TYR A 303 17.08 -9.84 14.36
C TYR A 303 18.61 -9.64 14.21
N SER A 304 19.23 -10.50 13.40
CA SER A 304 20.68 -10.44 13.17
C SER A 304 21.13 -9.12 12.55
N TYR A 305 20.26 -8.51 11.74
CA TYR A 305 20.66 -7.42 10.86
C TYR A 305 20.25 -6.03 11.41
N ILE A 306 19.71 -6.03 12.63
CA ILE A 306 19.48 -4.81 13.41
C ILE A 306 20.33 -4.83 14.68
N CYS A 307 21.06 -3.74 14.95
CA CYS A 307 22.01 -3.66 16.07
C CYS A 307 23.13 -4.68 15.86
N ILE A 308 23.70 -4.67 14.67
CA ILE A 308 24.73 -5.63 14.25
C ILE A 308 25.97 -5.56 15.15
N LYS A 309 26.20 -4.37 15.67
CA LYS A 309 27.30 -4.05 16.58
C LYS A 309 27.22 -4.80 17.90
N ASP A 310 26.02 -5.07 18.38
CA ASP A 310 25.84 -5.77 19.66
C ASP A 310 25.42 -7.22 19.49
N GLY A 311 25.61 -7.75 18.29
CA GLY A 311 25.27 -9.14 17.99
C GLY A 311 23.86 -9.35 17.47
N GLY A 312 23.10 -8.25 17.33
CA GLY A 312 21.72 -8.32 16.86
C GLY A 312 20.76 -7.87 17.95
N TYR A 313 19.59 -7.41 17.54
CA TYR A 313 18.55 -6.93 18.44
C TYR A 313 17.52 -8.02 18.78
N THR A 314 17.20 -8.16 20.07
CA THR A 314 16.06 -8.97 20.48
C THR A 314 15.11 -8.07 21.21
N TYR A 315 13.92 -7.90 20.64
CA TYR A 315 12.86 -7.17 21.29
C TYR A 315 12.38 -8.00 22.49
N LYS A 316 12.26 -7.33 23.63
CA LYS A 316 11.92 -7.99 24.88
C LYS A 316 10.76 -7.30 25.58
N GLY A 317 9.93 -6.60 24.80
CA GLY A 317 8.74 -5.92 25.29
C GLY A 317 7.51 -6.81 25.18
N THR A 318 6.33 -6.27 25.54
CA THR A 318 5.10 -7.04 25.54
C THR A 318 4.08 -6.38 24.60
N ALA A 319 4.61 -5.60 23.66
CA ALA A 319 3.80 -4.92 22.66
C ALA A 319 4.13 -5.42 21.25
N SER A 320 3.88 -4.56 20.25
CA SER A 320 3.94 -5.00 18.86
C SER A 320 4.39 -3.90 17.91
N PRO A 321 5.44 -3.16 18.29
CA PRO A 321 5.92 -2.06 17.45
C PRO A 321 6.34 -2.49 16.06
N ILE A 322 6.31 -1.55 15.15
CA ILE A 322 6.61 -1.77 13.76
C ILE A 322 8.07 -2.14 13.46
N LYS A 323 8.30 -3.24 12.75
CA LYS A 323 9.64 -3.54 12.26
C LYS A 323 9.79 -3.07 10.83
N LYS A 324 8.74 -3.21 10.05
CA LYS A 324 8.86 -2.94 8.62
C LYS A 324 8.81 -1.41 8.40
N GLY A 325 9.83 -0.90 7.71
CA GLY A 325 10.02 0.52 7.54
C GLY A 325 10.95 1.10 8.61
N VAL A 326 11.47 0.21 9.46
CA VAL A 326 12.43 0.52 10.50
C VAL A 326 13.72 -0.28 10.21
N PRO A 327 14.62 0.27 9.36
CA PRO A 327 15.76 -0.46 8.80
C PRO A 327 16.93 -0.67 9.78
N GLY A 328 16.79 -0.07 10.96
CA GLY A 328 17.76 -0.19 12.03
C GLY A 328 18.56 1.08 12.19
N GLY A 329 19.82 0.92 12.59
CA GLY A 329 20.67 2.06 12.81
C GLY A 329 21.43 2.41 11.54
N PRO A 330 22.02 3.61 11.49
CA PRO A 330 22.84 3.97 10.33
C PRO A 330 24.02 3.02 10.13
N ASP A 331 24.42 2.30 11.17
CA ASP A 331 25.52 1.36 11.00
C ASP A 331 25.06 -0.04 10.60
N ASP A 332 23.73 -0.29 10.62
CA ASP A 332 23.16 -1.62 10.41
C ASP A 332 22.98 -1.88 8.93
N ASP A 333 24.11 -2.01 8.24
CA ASP A 333 24.18 -2.05 6.78
C ASP A 333 23.35 -1.02 6.04
N ASN A 334 23.20 0.17 6.61
CA ASN A 334 22.49 1.24 5.90
C ASN A 334 23.41 2.33 5.35
N ASP A 335 24.72 2.11 5.48
CA ASP A 335 25.80 2.98 4.98
C ASP A 335 25.67 4.41 5.51
N GLY A 336 25.24 4.52 6.76
CA GLY A 336 25.05 5.79 7.43
C GLY A 336 23.84 6.62 7.01
N LYS A 337 22.99 6.07 6.14
CA LYS A 337 21.87 6.84 5.59
C LYS A 337 20.57 6.80 6.42
N VAL A 338 20.69 6.99 7.72
CA VAL A 338 19.54 7.02 8.63
C VAL A 338 19.61 8.21 9.58
N LYS A 339 18.76 9.21 9.33
CA LYS A 339 18.56 10.28 10.31
C LYS A 339 17.06 10.55 10.46
N GLN A 340 16.67 11.29 11.49
CA GLN A 340 15.25 11.53 11.77
C GLN A 340 14.54 12.02 10.52
N MET A 341 13.32 11.52 10.32
CA MET A 341 12.55 11.83 9.12
C MET A 341 13.39 11.68 7.84
N ASN A 342 14.27 10.66 7.83
CA ASN A 342 15.08 10.36 6.66
C ASN A 342 15.46 8.87 6.64
N SER A 343 14.54 8.10 6.09
CA SER A 343 14.73 6.69 5.90
C SER A 343 15.28 6.47 4.50
N PRO A 344 16.13 5.46 4.34
CA PRO A 344 16.74 5.19 3.05
C PRO A 344 15.99 4.13 2.24
N LEU A 345 14.91 3.57 2.79
CA LEU A 345 14.13 2.56 2.09
C LEU A 345 13.26 3.18 1.01
N ASN A 346 13.14 2.51 -0.13
CA ASN A 346 12.12 2.88 -1.09
C ASN A 346 10.73 2.60 -0.51
N THR A 347 9.72 3.32 -0.99
CA THR A 347 8.33 2.97 -0.71
C THR A 347 7.84 2.06 -1.82
N TYR A 348 7.50 0.81 -1.49
CA TYR A 348 6.93 -0.09 -2.48
C TYR A 348 5.55 0.42 -2.96
N ILE A 349 5.34 0.28 -4.26
CA ILE A 349 4.09 0.57 -4.93
C ILE A 349 3.52 -0.74 -5.50
N LEU A 350 4.40 -1.56 -6.09
CA LEU A 350 4.03 -2.90 -6.61
C LEU A 350 5.19 -3.92 -6.59
N ARG A 351 4.95 -5.01 -5.85
CA ARG A 351 5.86 -6.16 -5.75
C ARG A 351 5.34 -7.33 -6.59
N LEU A 352 6.24 -8.18 -7.05
CA LEU A 352 5.85 -9.32 -7.88
C LEU A 352 4.95 -10.27 -7.10
N ALA A 353 5.12 -10.32 -5.77
CA ALA A 353 4.23 -11.12 -4.93
C ALA A 353 2.76 -10.72 -5.10
N ASP A 354 2.53 -9.41 -5.22
CA ASP A 354 1.21 -8.85 -5.41
C ASP A 354 0.68 -9.33 -6.73
N VAL A 355 1.52 -9.38 -7.75
CA VAL A 355 1.04 -9.92 -9.01
C VAL A 355 0.70 -11.41 -8.88
N TYR A 356 1.44 -12.15 -8.07
CA TYR A 356 1.14 -13.59 -7.91
C TYR A 356 -0.24 -13.76 -7.28
N LEU A 357 -0.48 -13.05 -6.17
CA LEU A 357 -1.78 -13.15 -5.49
C LEU A 357 -2.90 -12.64 -6.34
N THR A 358 -2.64 -11.59 -7.10
CA THR A 358 -3.63 -11.03 -7.99
C THR A 358 -4.00 -12.04 -9.07
N TYR A 359 -3.00 -12.73 -9.63
CA TYR A 359 -3.29 -13.81 -10.57
C TYR A 359 -4.23 -14.80 -9.89
N ALA A 360 -3.88 -15.21 -8.68
CA ALA A 360 -4.66 -16.22 -7.97
C ALA A 360 -6.09 -15.78 -7.81
N GLU A 361 -6.28 -14.55 -7.31
CA GLU A 361 -7.63 -14.09 -7.05
C GLU A 361 -8.35 -14.04 -8.40
N ALA A 362 -7.69 -13.62 -9.46
CA ALA A 362 -8.36 -13.58 -10.74
C ALA A 362 -8.70 -14.97 -11.27
N CYS A 363 -7.94 -16.00 -10.87
CA CYS A 363 -8.30 -17.37 -11.23
C CYS A 363 -9.44 -17.91 -10.37
N LEU A 364 -9.46 -17.62 -9.09
CA LEU A 364 -10.67 -17.91 -8.28
C LEU A 364 -11.93 -17.39 -8.95
N GLY A 365 -11.91 -16.13 -9.37
CA GLY A 365 -13.07 -15.54 -10.02
C GLY A 365 -14.31 -15.68 -9.14
N ASN A 366 -15.39 -16.20 -9.73
CA ASN A 366 -16.65 -16.34 -9.03
C ASN A 366 -16.85 -17.73 -8.41
N ASN A 367 -15.82 -18.57 -8.44
CA ASN A 367 -15.89 -19.87 -7.77
C ASN A 367 -15.65 -19.75 -6.28
N SER A 368 -16.28 -20.65 -5.54
CA SER A 368 -16.03 -20.87 -4.10
C SER A 368 -14.59 -21.24 -3.77
N THR A 369 -13.99 -22.11 -4.56
CA THR A 369 -12.65 -22.58 -4.25
C THR A 369 -11.86 -22.68 -5.54
N LEU A 370 -10.55 -22.65 -5.43
CA LEU A 370 -9.62 -22.81 -6.53
C LEU A 370 -8.69 -23.93 -6.12
N SER A 371 -8.70 -25.04 -6.89
CA SER A 371 -7.99 -26.28 -6.54
C SER A 371 -6.92 -26.66 -7.53
N ASP A 372 -6.83 -25.87 -8.60
CA ASP A 372 -5.77 -26.14 -9.56
C ASP A 372 -5.46 -24.98 -10.48
N GLY A 373 -4.39 -25.18 -11.24
CA GLY A 373 -3.98 -24.23 -12.24
C GLY A 373 -2.82 -23.40 -11.80
N ARG A 374 -2.37 -22.58 -12.73
CA ARG A 374 -1.18 -21.78 -12.54
C ARG A 374 -1.39 -20.62 -11.53
N GLY A 375 -2.64 -20.19 -11.40
CA GLY A 375 -3.00 -19.20 -10.41
C GLY A 375 -2.72 -19.70 -9.00
N LEU A 376 -3.24 -20.89 -8.70
CA LEU A 376 -2.93 -21.54 -7.42
C LEU A 376 -1.44 -21.80 -7.26
N TYR A 377 -0.74 -22.10 -8.35
CA TYR A 377 0.71 -22.24 -8.27
C TYR A 377 1.39 -20.94 -7.79
N PHE A 378 0.98 -19.80 -8.33
CA PHE A 378 1.69 -18.59 -7.96
C PHE A 378 1.27 -18.13 -6.58
N PHE A 379 0.05 -18.48 -6.17
CA PHE A 379 -0.35 -18.29 -4.78
C PHE A 379 0.63 -18.99 -3.84
N ASN A 380 0.71 -20.31 -3.98
CA ASN A 380 1.52 -21.20 -3.12
C ASN A 380 2.97 -20.87 -3.16
N ARG A 381 3.37 -20.37 -4.32
CA ARG A 381 4.70 -19.87 -4.48
C ARG A 381 5.01 -18.75 -3.46
N VAL A 382 3.99 -17.96 -3.07
CA VAL A 382 4.16 -16.89 -2.05
C VAL A 382 4.26 -17.51 -0.66
N ARG A 383 3.43 -18.51 -0.43
CA ARG A 383 3.46 -19.19 0.84
C ARG A 383 4.79 -19.93 0.99
N GLU A 384 5.28 -20.46 -0.12
CA GLU A 384 6.54 -21.19 -0.15
C GLU A 384 7.67 -20.29 0.38
N ARG A 385 7.69 -19.03 -0.06
CA ARG A 385 8.72 -18.12 0.41
C ARG A 385 8.60 -17.82 1.88
N ALA A 386 7.38 -17.72 2.38
CA ALA A 386 7.16 -17.48 3.80
C ALA A 386 7.52 -18.73 4.58
N LYS A 387 7.91 -19.77 3.86
CA LYS A 387 8.39 -21.00 4.49
C LYS A 387 7.26 -21.67 5.28
N ILE A 388 6.04 -21.51 4.79
CA ILE A 388 4.91 -22.16 5.41
C ILE A 388 4.34 -23.09 4.38
N ASN A 389 3.51 -23.96 4.88
CA ASN A 389 2.83 -24.99 4.09
C ASN A 389 2.01 -24.46 2.93
N LYS A 390 2.09 -25.12 1.79
CA LYS A 390 1.20 -24.80 0.68
C LYS A 390 -0.26 -25.14 1.01
N LYS A 391 -1.18 -24.54 0.26
CA LYS A 391 -2.59 -24.90 0.36
C LYS A 391 -2.98 -25.67 -0.91
N SER A 392 -3.78 -26.73 -0.77
CA SER A 392 -4.15 -27.56 -1.91
C SER A 392 -5.37 -26.97 -2.58
N SER A 393 -6.09 -26.13 -1.85
CA SER A 393 -7.11 -25.34 -2.46
C SER A 393 -7.35 -24.10 -1.61
N ILE A 394 -7.92 -23.04 -2.22
CA ILE A 394 -8.11 -21.76 -1.54
C ILE A 394 -9.44 -21.15 -1.83
N THR A 395 -9.87 -20.28 -0.92
CA THR A 395 -11.08 -19.48 -1.12
C THR A 395 -10.73 -17.96 -1.13
N LEU A 396 -11.72 -17.11 -1.33
CA LEU A 396 -11.50 -15.69 -1.19
C LEU A 396 -10.98 -15.37 0.22
N ASP A 397 -11.55 -15.97 1.26
CA ASP A 397 -11.10 -15.64 2.60
C ASP A 397 -9.61 -15.99 2.80
N ASP A 398 -9.13 -17.06 2.20
CA ASP A 398 -7.69 -17.35 2.28
C ASP A 398 -6.86 -16.25 1.60
N ILE A 399 -7.36 -15.75 0.47
CA ILE A 399 -6.65 -14.75 -0.34
C ILE A 399 -6.58 -13.44 0.43
N ILE A 400 -7.70 -13.01 0.98
CA ILE A 400 -7.73 -11.85 1.85
C ILE A 400 -6.69 -11.98 2.95
N ARG A 401 -6.61 -13.15 3.57
CA ARG A 401 -5.72 -13.33 4.71
C ARG A 401 -4.28 -13.35 4.23
N GLU A 402 -4.01 -14.06 3.14
CA GLU A 402 -2.66 -14.06 2.55
C GLU A 402 -2.20 -12.63 2.14
N ARG A 403 -3.10 -11.84 1.56
CA ARG A 403 -2.72 -10.48 1.21
C ARG A 403 -2.43 -9.63 2.43
N ARG A 404 -3.20 -9.77 3.50
CA ARG A 404 -2.92 -9.00 4.70
C ARG A 404 -1.53 -9.26 5.30
N VAL A 405 -1.15 -10.54 5.49
CA VAL A 405 0.13 -10.82 6.13
C VAL A 405 1.26 -10.50 5.16
N GLU A 406 1.09 -10.80 3.89
CA GLU A 406 2.14 -10.52 2.91
C GLU A 406 2.50 -9.04 2.81
N PHE A 407 1.51 -8.16 2.93
CA PHE A 407 1.69 -6.73 2.70
C PHE A 407 1.48 -5.83 3.91
N GLY A 408 1.31 -6.43 5.08
CA GLY A 408 1.25 -5.69 6.33
C GLY A 408 2.31 -4.61 6.44
N MET A 409 1.85 -3.40 6.78
CA MET A 409 2.66 -2.20 7.00
C MET A 409 3.36 -1.76 5.74
N GLU A 410 2.77 -2.09 4.60
CA GLU A 410 3.23 -1.55 3.32
C GLU A 410 2.19 -0.59 2.76
N TYR A 411 1.26 -0.14 3.62
CA TYR A 411 0.39 0.95 3.27
C TYR A 411 -0.47 0.62 2.04
N SER A 412 -1.02 -0.58 2.00
CA SER A 412 -1.86 -0.96 0.86
C SER A 412 -3.02 -1.90 1.21
N ASN A 413 -3.12 -2.36 2.45
CA ASN A 413 -4.19 -3.30 2.81
C ASN A 413 -5.55 -2.60 2.80
N TRP A 414 -5.60 -1.28 3.07
CA TRP A 414 -6.89 -0.58 3.07
C TRP A 414 -7.45 -0.52 1.67
N TYR A 415 -6.60 -0.18 0.71
CA TYR A 415 -7.06 -0.03 -0.68
C TYR A 415 -7.69 -1.33 -1.19
N ASP A 416 -7.10 -2.45 -0.79
CA ASP A 416 -7.66 -3.72 -1.17
C ASP A 416 -9.00 -3.94 -0.47
N MET A 417 -9.08 -3.58 0.80
CA MET A 417 -10.31 -3.78 1.54
C MET A 417 -11.47 -2.93 0.96
N VAL A 418 -11.14 -1.81 0.32
CA VAL A 418 -12.14 -0.95 -0.27
C VAL A 418 -12.65 -1.62 -1.54
N THR A 419 -11.71 -2.20 -2.27
CA THR A 419 -12.02 -2.94 -3.49
C THR A 419 -12.96 -4.07 -3.16
N TRP A 420 -12.65 -4.78 -2.09
CA TRP A 420 -13.50 -5.87 -1.64
C TRP A 420 -14.86 -5.34 -1.17
N PHE A 421 -14.87 -4.26 -0.41
CA PHE A 421 -16.11 -3.70 0.04
C PHE A 421 -16.98 -3.31 -1.17
N ARG A 422 -16.35 -2.83 -2.23
CA ARG A 422 -17.05 -2.48 -3.44
C ARG A 422 -17.60 -3.71 -4.17
N TYR A 423 -17.02 -4.88 -3.88
CA TYR A 423 -17.46 -6.14 -4.48
C TYR A 423 -18.51 -6.79 -3.58
N LEU A 424 -18.23 -6.96 -2.29
CA LEU A 424 -19.19 -7.60 -1.40
C LEU A 424 -19.41 -6.73 -0.19
N PRO A 425 -20.25 -5.71 -0.33
CA PRO A 425 -20.31 -4.73 0.77
C PRO A 425 -20.73 -5.29 2.12
N ASP A 426 -21.73 -6.15 2.17
CA ASP A 426 -22.18 -6.62 3.47
C ASP A 426 -21.19 -7.57 4.09
N LYS A 427 -20.64 -8.48 3.30
CA LYS A 427 -19.49 -9.23 3.81
C LYS A 427 -18.47 -8.35 4.49
N MET A 428 -17.92 -7.39 3.77
CA MET A 428 -16.81 -6.60 4.30
C MET A 428 -17.21 -5.69 5.46
N LEU A 429 -18.44 -5.19 5.48
CA LEU A 429 -18.85 -4.37 6.65
C LEU A 429 -18.85 -5.23 7.92
N ASN A 430 -19.31 -6.48 7.79
CA ASN A 430 -19.33 -7.40 8.92
C ASN A 430 -17.90 -7.67 9.35
N TYR A 431 -17.03 -7.91 8.36
CA TYR A 431 -15.57 -8.01 8.56
C TYR A 431 -14.90 -6.77 9.22
N PHE A 432 -15.25 -5.55 8.77
CA PHE A 432 -14.66 -4.35 9.39
C PHE A 432 -15.09 -4.24 10.85
N ASN A 433 -16.31 -4.65 11.14
CA ASN A 433 -16.84 -4.60 12.48
C ASN A 433 -16.37 -5.78 13.38
N ASN A 434 -15.50 -6.65 12.86
CA ASN A 434 -15.00 -7.74 13.66
C ASN A 434 -13.53 -7.83 13.50
N GLN A 435 -12.90 -6.70 13.80
CA GLN A 435 -11.47 -6.52 13.69
C GLN A 435 -10.91 -5.96 15.01
N TRP A 436 -11.70 -6.07 16.08
CA TRP A 436 -11.34 -5.47 17.37
C TRP A 436 -10.74 -4.06 17.16
N ARG A 437 -11.32 -3.27 16.26
CA ARG A 437 -10.77 -1.96 15.91
C ARG A 437 -10.80 -1.05 17.13
N GLY A 438 -9.68 -0.43 17.39
CA GLY A 438 -9.56 0.42 18.57
C GLY A 438 -9.31 -0.32 19.87
N TYR A 439 -9.28 -1.66 19.86
CA TYR A 439 -8.98 -2.42 21.07
C TYR A 439 -7.50 -2.56 21.16
N ARG A 440 -6.99 -2.65 22.39
CA ARG A 440 -5.59 -2.96 22.62
C ARG A 440 -5.42 -3.70 23.96
N THR A 441 -4.25 -4.26 24.19
CA THR A 441 -4.08 -5.13 25.36
C THR A 441 -2.71 -4.86 25.98
N ASP A 442 -2.64 -4.86 27.31
CA ASP A 442 -1.39 -4.54 28.01
C ASP A 442 -0.19 -5.36 27.57
N ALA A 443 -0.42 -6.64 27.29
CA ALA A 443 0.68 -7.57 27.10
C ALA A 443 0.38 -8.60 26.02
N ILE A 444 1.22 -8.58 25.00
CA ILE A 444 1.20 -9.64 24.02
C ILE A 444 2.37 -10.54 24.39
N ILE A 445 2.06 -11.77 24.83
CA ILE A 445 3.07 -12.80 25.12
C ILE A 445 3.06 -13.94 24.11
N LYS A 446 4.20 -14.61 23.99
CA LYS A 446 4.37 -15.66 23.00
C LYS A 446 4.54 -17.04 23.60
N ASP A 447 4.08 -18.04 22.84
CA ASP A 447 4.00 -19.43 23.29
C ASP A 447 5.12 -20.24 22.64
N GLU A 448 4.77 -21.43 22.12
CA GLU A 448 5.75 -22.40 21.59
C GLU A 448 5.23 -22.99 20.27
N LYS A 451 3.25 -19.08 19.35
CA LYS A 451 1.80 -18.88 19.33
C LYS A 451 1.51 -17.65 20.23
N LEU A 452 0.68 -16.73 19.72
CA LEU A 452 0.50 -15.42 20.37
C LEU A 452 -0.73 -15.36 21.26
N HIS A 453 -0.58 -14.72 22.41
CA HIS A 453 -1.67 -14.55 23.36
C HIS A 453 -1.83 -13.10 23.78
N PHE A 454 -3.09 -12.70 23.92
CA PHE A 454 -3.48 -11.30 24.07
C PHE A 454 -4.21 -11.09 25.37
N GLY A 455 -3.64 -10.25 26.22
CA GLY A 455 -4.27 -9.92 27.48
C GLY A 455 -3.40 -9.06 28.37
N LYS A 456 -3.30 -9.49 29.60
CA LYS A 456 -2.65 -8.72 30.65
C LYS A 456 -2.37 -9.62 31.83
N TYR A 457 -1.40 -9.25 32.67
CA TYR A 457 -1.29 -9.88 34.00
C TYR A 457 -2.14 -9.09 34.99
N ASP A 458 -2.62 -9.73 36.06
CA ASP A 458 -3.21 -8.98 37.20
C ASP A 458 -2.88 -9.70 38.49
N THR A 459 -1.68 -9.41 39.00
CA THR A 459 -1.11 -9.83 40.32
C THR A 459 -0.80 -11.34 40.40
N THR A 463 0.88 -14.59 36.42
CA THR A 463 -0.51 -15.00 36.09
C THR A 463 -1.15 -14.21 34.93
N PHE A 464 -1.60 -14.91 33.88
CA PHE A 464 -2.02 -14.24 32.65
C PHE A 464 -3.53 -14.33 32.38
N LEU A 465 -4.16 -13.17 32.19
CA LEU A 465 -5.59 -13.10 31.85
C LEU A 465 -5.78 -12.92 30.36
N GLU A 466 -6.46 -13.88 29.76
CA GLU A 466 -6.43 -14.04 28.32
C GLU A 466 -7.78 -13.67 27.71
N GLY A 467 -7.76 -12.98 26.57
CA GLY A 467 -8.95 -12.80 25.73
C GLY A 467 -9.52 -11.38 25.73
N PRO A 468 -10.59 -11.15 24.93
CA PRO A 468 -11.34 -9.89 24.83
C PRO A 468 -11.67 -9.26 26.17
N GLU A 469 -12.12 -10.04 27.15
CA GLU A 469 -12.55 -9.50 28.45
C GLU A 469 -11.49 -8.64 29.10
N TYR A 470 -10.24 -8.91 28.76
CA TYR A 470 -9.15 -8.17 29.36
C TYR A 470 -8.47 -7.20 28.37
N TYR A 471 -9.08 -6.96 27.21
CA TYR A 471 -8.58 -5.95 26.29
C TYR A 471 -8.96 -4.59 26.83
N THR A 472 -8.13 -3.60 26.52
CA THR A 472 -8.51 -2.17 26.67
C THR A 472 -9.51 -1.79 25.55
N ALA A 473 -10.79 -1.67 25.86
CA ALA A 473 -11.81 -1.35 24.85
C ALA A 473 -11.96 0.17 24.58
N PRO A 474 -12.24 0.56 23.33
CA PRO A 474 -12.56 1.97 23.02
C PRO A 474 -13.82 2.41 23.73
N GLU A 475 -13.97 3.69 24.00
CA GLU A 475 -15.07 4.19 24.83
C GLU A 475 -16.02 5.13 24.08
N PHE A 476 -16.04 5.03 22.74
CA PHE A 476 -17.04 5.74 21.92
C PHE A 476 -17.66 4.73 20.93
N THR A 477 -18.66 5.15 20.16
CA THR A 477 -19.45 4.26 19.32
C THR A 477 -18.64 3.89 18.06
N ILE A 478 -18.57 2.59 17.78
CA ILE A 478 -17.90 2.04 16.58
C ILE A 478 -18.85 1.05 16.03
N ASN A 479 -19.60 1.53 15.07
CA ASN A 479 -20.54 0.74 14.33
C ASN A 479 -20.34 1.17 12.86
N ILE A 480 -19.53 0.39 12.12
CA ILE A 480 -19.08 0.82 10.82
C ILE A 480 -20.16 0.50 9.80
N GLU A 481 -20.52 1.48 8.97
CA GLU A 481 -21.62 1.35 8.04
C GLU A 481 -21.16 1.80 6.68
N ALA A 482 -21.91 1.49 5.65
CA ALA A 482 -21.43 1.75 4.28
C ALA A 482 -20.90 3.16 4.08
N GLU A 483 -21.56 4.17 4.64
CA GLU A 483 -21.17 5.53 4.37
C GLU A 483 -19.89 5.96 5.05
N ASP A 484 -19.33 5.10 5.89
CA ASP A 484 -18.08 5.41 6.60
C ASP A 484 -16.82 5.03 5.83
N ILE A 485 -17.00 4.21 4.83
CA ILE A 485 -15.87 3.56 4.19
C ILE A 485 -15.01 4.49 3.38
N PHE A 486 -15.61 5.18 2.42
CA PHE A 486 -14.89 6.13 1.62
C PHE A 486 -14.72 7.33 2.52
N LEU A 487 -13.53 7.93 2.52
CA LEU A 487 -13.28 9.07 3.35
C LEU A 487 -13.87 10.29 2.73
N PRO A 488 -14.06 11.36 3.52
CA PRO A 488 -14.62 12.60 2.97
C PRO A 488 -13.60 13.46 2.22
N TYR A 489 -14.06 14.36 1.35
CA TYR A 489 -13.11 15.23 0.64
C TYR A 489 -12.50 16.19 1.68
N PRO A 490 -11.22 16.57 1.54
CA PRO A 490 -10.67 17.53 2.52
C PRO A 490 -11.48 18.83 2.54
N GLU A 491 -11.90 19.31 3.69
CA GLU A 491 -12.77 20.51 3.73
C GLU A 491 -12.17 21.73 3.04
N SER A 492 -10.87 21.90 3.10
CA SER A 492 -10.32 23.09 2.50
C SER A 492 -10.52 23.14 1.01
N ASP A 493 -10.44 21.98 0.39
CA ASP A 493 -10.62 21.90 -1.04
C ASP A 493 -12.04 22.06 -1.41
N VAL A 494 -12.92 21.62 -0.52
CA VAL A 494 -14.36 21.63 -0.77
C VAL A 494 -14.83 23.05 -0.84
N ILE A 495 -14.28 23.86 0.06
CA ILE A 495 -14.55 25.29 0.09
C ILE A 495 -14.07 25.94 -1.18
N GLN A 496 -12.97 25.47 -1.76
CA GLN A 496 -12.47 26.16 -2.93
C GLN A 496 -13.22 25.71 -4.20
N ASN A 497 -13.74 24.47 -4.16
CA ASN A 497 -14.49 23.88 -5.26
C ASN A 497 -15.77 23.23 -4.74
N PRO A 498 -16.86 23.99 -4.73
CA PRO A 498 -18.13 23.47 -4.20
C PRO A 498 -18.67 22.22 -4.93
N LEU A 499 -18.13 21.87 -6.09
CA LEU A 499 -18.62 20.69 -6.81
C LEU A 499 -18.14 19.42 -6.14
N LEU A 500 -17.25 19.56 -5.17
CA LEU A 500 -16.82 18.41 -4.42
C LEU A 500 -17.97 17.87 -3.53
N ASN A 501 -18.99 18.68 -3.34
CA ASN A 501 -20.19 18.24 -2.64
C ASN A 501 -21.29 17.77 -3.57
N GLU A 502 -21.08 17.86 -4.89
CA GLU A 502 -22.19 17.57 -5.82
C GLU A 502 -21.94 16.19 -6.42
N PRO A 503 -22.99 15.58 -7.00
CA PRO A 503 -22.82 14.30 -7.69
C PRO A 503 -21.76 14.39 -8.78
N PRO A 504 -21.04 13.27 -9.06
CA PRO A 504 -20.04 13.21 -10.12
C PRO A 504 -20.66 13.25 -11.52
N VAL A 505 -19.91 13.64 -12.53
CA VAL A 505 -20.46 13.71 -13.88
C VAL A 505 -19.62 12.84 -14.84
N PRO A 506 -20.19 12.39 -15.96
CA PRO A 506 -19.38 11.64 -16.93
C PRO A 506 -18.28 12.48 -17.60
N TYR A 507 -17.09 11.92 -17.56
CA TYR A 507 -15.94 12.50 -18.23
C TYR A 507 -16.05 12.29 -19.72
N THR A 508 -15.69 13.28 -20.52
CA THR A 508 -15.72 13.09 -21.96
C THR A 508 -14.32 12.74 -22.42
N PHE A 509 -14.11 11.47 -22.78
CA PHE A 509 -12.79 11.02 -23.17
C PHE A 509 -12.45 11.47 -24.55
N ASN A 510 -11.17 11.52 -24.78
CA ASN A 510 -10.65 12.34 -25.81
C ASN A 510 -10.74 12.00 -27.26
N GLU A 511 -11.18 10.80 -27.67
CA GLU A 511 -11.37 10.52 -29.10
C GLU A 511 -12.80 10.14 -29.42
C2 BGC B . 10.88 23.00 3.84
C3 BGC B . 10.49 22.91 5.26
C4 BGC B . 11.25 21.89 5.95
C5 BGC B . 12.70 22.20 5.83
C6 BGC B . 13.56 21.18 6.52
C1 BGC B . 12.38 23.30 3.62
O1 BGC B . 12.68 23.15 2.37
O2 BGC B . 10.10 24.03 3.24
O3 BGC B . 9.05 22.63 5.36
O4 BGC B . 10.81 21.87 7.36
O5 BGC B . 13.17 22.27 4.45
O6 BGC B . 14.86 21.26 5.97
H2 BGC B . 10.65 22.15 3.40
H3 BGC B . 10.66 23.77 5.68
H4 BGC B . 11.08 21.02 5.54
H5 BGC B . 12.86 23.07 6.26
H61 BGC B . 13.59 21.35 7.47
H62 BGC B . 13.19 20.28 6.35
H1 BGC B . 12.59 24.19 3.92
HO1 BGC B . 12.92 23.94 2.03
HO2 BGC B . 10.54 24.37 2.55
HO3 BGC B . 8.80 22.64 6.22
HO6 BGC B . 15.45 21.06 6.59
C2 BGC B . 10.58 20.51 9.34
C3 BGC B . 9.99 19.33 10.01
C4 BGC B . 8.53 19.29 10.06
C5 BGC B . 7.90 19.62 8.76
C6 BGC B . 6.39 19.73 8.91
C1 BGC B . 9.93 20.87 7.99
O2 BGC B . 11.94 20.20 9.11
O3 BGC B . 10.51 19.31 11.39
O4 BGC B . 8.17 17.94 10.49
O5 BGC B . 8.40 20.89 8.23
O6 BGC B . 5.83 20.04 7.66
H2 BGC B . 10.52 21.28 9.94
H3 BGC B . 10.30 18.52 9.55
H4 BGC B . 8.22 19.93 10.73
H5 BGC B . 8.11 18.91 8.13
H61 BGC B . 6.19 20.43 9.55
H62 BGC B . 6.04 18.88 9.23
H1 BGC B . 10.15 20.20 7.33
HO2 BGC B . 12.38 20.21 9.87
HO3 BGC B . 10.26 18.55 11.79
HO6 BGC B . 4.98 19.78 7.64
C2 BGC B . 6.65 16.72 12.12
C3 BGC B . 6.28 16.74 13.55
C4 BGC B . 7.48 16.60 14.36
C5 BGC B . 8.39 17.72 14.08
C6 BGC B . 9.57 17.71 15.03
C1 BGC B . 7.60 17.90 11.79
O2 BGC B . 5.46 16.79 11.34
O3 BGC B . 5.31 15.69 13.82
O4 BGC B . 7.15 16.64 15.79
O5 BGC B . 8.82 17.64 12.68
O6 BGC B . 10.73 18.14 14.36
H2 BGC B . 7.10 15.88 11.92
H3 BGC B . 5.87 17.60 13.75
H4 BGC B . 7.92 15.76 14.16
H5 BGC B . 7.91 18.55 14.20
H61 BGC B . 9.71 16.80 15.37
H62 BGC B . 9.39 18.30 15.79
H1 BGC B . 7.18 18.74 12.04
HO2 BGC B . 5.57 16.31 10.59
HO3 BGC B . 4.70 15.67 13.18
C2 BGC B . 6.98 15.81 17.97
C3 BGC B . 6.70 14.61 18.86
C4 BGC B . 5.37 13.95 18.49
C5 BGC B . 5.27 13.73 16.98
C6 BGC B . 3.91 13.15 16.60
C1 BGC B . 6.79 15.46 16.49
O2 BGC B . 8.33 16.25 18.19
O3 BGC B . 6.67 15.03 20.23
O4 BGC B . 5.23 12.71 19.18
O5 BGC B . 5.48 14.95 16.29
O6 BGC B . 3.55 13.58 15.29
H2 BGC B . 6.28 16.61 18.23
H3 BGC B . 7.50 13.87 18.72
H4 BGC B . 4.55 14.63 18.79
H5 BGC B . 6.05 13.01 16.69
H61 BGC B . 3.16 13.48 17.32
H62 BGC B . 3.96 12.06 16.63
H1 BGC B . 7.53 14.69 16.23
HO2 BGC B . 8.91 15.49 18.25
HO3 BGC B . 6.76 14.25 20.80
C2 BGC B . 4.16 10.74 19.84
C3 BGC B . 2.94 10.43 20.61
C4 BGC B . 2.98 11.09 21.91
C5 BGC B . 3.09 12.55 21.79
C6 BGC B . 3.23 13.13 23.18
C1 BGC B . 4.22 12.26 19.58
O2 BGC B . 4.20 10.02 18.61
O3 BGC B . 2.82 8.96 20.76
O4 BGC B . 1.76 10.81 22.66
O5 BGC B . 4.24 12.92 20.96
O6 BGC B . 3.96 14.33 23.16
H2 BGC B . 4.94 10.50 20.37
H3 BGC B . 2.17 10.75 20.11
H4 BGC B . 3.74 10.76 22.42
H5 BGC B . 2.27 12.90 21.38
H61 BGC B . 2.34 13.30 23.55
H62 BGC B . 3.69 12.48 23.74
H1 BGC B . 3.42 12.55 19.09
HO2 BGC B . 3.45 10.16 18.17
HO3 BGC B . 2.31 8.79 21.47
HO6 BGC B . 3.51 14.96 22.72
C2 BGC B . 0.75 10.31 24.78
C3 BGC B . 0.85 9.60 26.07
C4 BGC B . 1.23 8.19 25.94
C5 BGC B . 2.48 8.09 25.15
C6 BGC B . 3.10 6.69 25.14
C1 BGC B . 1.88 10.00 23.79
O2 BGC B . 0.80 11.71 25.02
O3 BGC B . -0.45 9.75 26.75
O4 BGC B . 1.41 7.58 27.27
O5 BGC B . 2.17 8.50 23.78
O6 BGC B . 4.31 6.72 24.40
H2 BGC B . -0.11 10.10 24.37
H3 BGC B . 1.52 10.05 26.62
H4 BGC B . 0.52 7.71 25.48
H5 BGC B . 3.13 8.71 25.52
H61 BGC B . 3.28 6.41 26.05
H62 BGC B . 2.48 6.07 24.71
H1 BGC B . 2.68 10.49 24.04
HO2 BGC B . 0.07 11.96 25.46
HO3 BGC B . -0.47 9.25 27.48
HO6 BGC B . 4.14 6.88 23.55
C2 BGC B . 1.32 5.86 29.17
C3 BGC B . 0.32 5.10 29.97
C4 BGC B . -0.68 5.97 30.59
C5 BGC B . -1.38 6.78 29.56
C6 BGC B . -2.40 7.67 30.23
C1 BGC B . 0.64 6.71 28.09
O2 BGC B . 2.23 4.94 28.55
O3 BGC B . 1.00 4.36 31.05
O4 BGC B . -1.66 5.14 31.31
O5 BGC B . -0.44 7.58 28.77
O6 BGC B . -2.64 8.81 29.43
H2 BGC B . 1.82 6.44 29.77
H3 BGC B . -0.13 4.46 29.40
H4 BGC B . -0.24 6.57 31.22
H5 BGC B . -1.85 6.17 28.96
H61 BGC B . -3.23 7.18 30.35
H62 BGC B . -2.06 7.95 31.10
H1 BGC B . 0.23 6.14 27.42
HO2 BGC B . 2.77 5.39 28.02
HO3 BGC B . 0.50 3.68 31.32
HO4 BGC B . -1.23 4.59 31.85
HO6 BGC B . -3.41 9.17 29.66
C1 XYS B . 2.52 13.74 14.34
C2 XYS B . 1.74 15.05 14.33
C3 XYS B . 0.93 15.21 15.60
C4 XYS B . 0.11 13.95 15.90
C5 XYS B . 0.99 12.70 15.81
O2 XYS B . 2.65 16.14 14.21
O3 XYS B . 0.05 16.33 15.47
O4 XYS B . -0.46 14.04 17.21
O5 XYS B . 1.61 12.65 14.53
H1 XYS B . 3.02 13.63 13.37
H2 XYS B . 1.06 15.05 13.47
H3 XYS B . 1.62 15.39 16.44
H4 XYS B . -0.69 13.88 15.15
H51 XYS B . 1.74 12.72 16.59
H52 XYS B . 0.37 11.81 15.95
HO2 XYS B . 3.36 15.91 13.59
HO3 XYS B . 0.51 17.06 15.04
HO4 XYS B . 0.25 14.08 17.87
C1 XYS B . 12.03 18.77 14.71
C2 XYS B . 12.77 18.19 15.87
C3 XYS B . 12.20 18.87 17.13
C4 XYS B . 12.43 20.39 17.01
C5 XYS B . 11.72 20.84 15.72
O2 XYS B . 12.39 16.85 15.96
O3 XYS B . 12.98 18.45 18.21
O4 XYS B . 11.74 21.00 18.07
O5 XYS B . 12.30 20.10 14.64
H1 XYS B . 11.86 18.66 13.95
H2 XYS B . 13.82 18.15 15.50
H3 XYS B . 11.24 18.32 17.28
H4 XYS B . 13.51 20.50 17.30
H51 XYS B . 10.69 20.50 15.79
H52 XYS B . 11.65 21.94 15.79
HO2 XYS B . 12.67 16.37 15.15
HO3 XYS B . 13.09 17.48 18.20
HO4 XYS B . 12.04 20.64 18.92
C1 EDO C . -8.38 20.31 -6.44
O1 EDO C . -8.12 19.55 -5.25
C2 EDO C . -7.21 20.37 -7.41
O2 EDO C . -7.40 19.31 -8.35
H11 EDO C . -9.24 19.85 -6.96
H12 EDO C . -8.67 21.31 -6.16
HO1 EDO C . -8.91 19.55 -4.69
H21 EDO C . -7.21 21.34 -7.93
H22 EDO C . -6.27 20.26 -6.88
HO2 EDO C . -6.68 19.31 -8.99
C1 EDO D . -14.36 -18.28 -12.82
O1 EDO D . -15.09 -17.09 -12.54
C2 EDO D . -13.12 -17.95 -13.63
O2 EDO D . -13.52 -16.87 -14.49
H11 EDO D . -14.06 -18.76 -11.87
H12 EDO D . -14.99 -18.99 -13.36
HO1 EDO D . -15.87 -17.31 -12.02
H21 EDO D . -12.30 -17.64 -12.99
H22 EDO D . -12.80 -18.81 -14.22
HO2 EDO D . -12.77 -16.61 -15.06
C1 EDO E . -18.14 -22.85 -7.15
O1 EDO E . -19.22 -22.87 -8.07
C2 EDO E . -17.28 -24.12 -7.21
O2 EDO E . -16.07 -23.86 -6.47
H11 EDO E . -17.50 -21.98 -7.37
H12 EDO E . -18.52 -22.72 -6.14
HO1 EDO E . -19.72 -22.04 -7.98
H21 EDO E . -17.83 -24.96 -6.76
H22 EDO E . -17.05 -24.37 -8.24
HO2 EDO E . -15.51 -24.66 -6.49
C1 EDO F . -17.12 -5.96 19.23
O1 EDO F . -18.36 -6.57 18.88
C2 EDO F . -16.12 -6.50 18.22
O2 EDO F . -15.36 -5.47 17.61
H11 EDO F . -17.19 -4.88 19.17
H12 EDO F . -16.83 -6.24 20.25
HO1 EDO F . -19.05 -6.27 19.49
H21 EDO F . -15.44 -7.19 18.73
H22 EDO F . -16.66 -7.06 17.46
HO2 EDO F . -14.74 -5.87 16.98
C1 EDO G . -23.07 -8.65 0.01
O1 EDO G . -21.71 -9.06 0.31
C2 EDO G . -23.18 -7.57 -1.06
O2 EDO G . -22.65 -7.90 -2.36
H11 EDO G . -23.63 -9.53 -0.32
H12 EDO G . -23.53 -8.29 0.93
HO1 EDO G . -21.71 -9.75 0.99
H21 EDO G . -24.23 -7.29 -1.16
H22 EDO G . -22.66 -6.67 -0.70
HO2 EDO G . -22.77 -7.15 -2.96
CL CL H . -13.83 7.51 8.87
NA NA I . -18.05 -6.82 16.13
#